data_7AR0
#
_entry.id   7AR0
#
_cell.length_a   141.738
_cell.length_b   141.738
_cell.length_c   89.582
_cell.angle_alpha   90.000
_cell.angle_beta   90.000
_cell.angle_gamma   90.000
#
_symmetry.space_group_name_H-M   'P 41 2 2'
#
loop_
_entity.id
_entity.type
_entity.pdbx_description
1 polymer 'Variant surface glycoprotein MITAT 1.2'
2 polymer 'Nanobody VSG2(NB19)'
3 branched beta-D-mannopyranose-(1-4)-2-acetamido-2-deoxy-beta-D-glucopyranose-(1-4)-2-acetamido-2-deoxy-beta-D-glucopyranose
4 water water
#
loop_
_entity_poly.entity_id
_entity_poly.type
_entity_poly.pdbx_seq_one_letter_code
_entity_poly.pdbx_strand_id
1 'polypeptide(L)'
;AAEKGFKQAFWQPLCQVSEELDDQPKGALFTLQAAASKIQKMRDAALRASIYAEINHGTNRAKAAVIVANHYAMKADSGL
EALKQTLSSQEVTATATASYLKGRIDEYLNLLLQTKESGTSGCMMDTSGTNTVTKAGGTIGGVPCKLQLSPIQPKRPAAT
YLGKAGYVGLTRQADAANNFHDNDAECRLASGHNTNGLGKSGQLSAAVTMAAGYVTVANSQTAVTVQALDALQEASGAAH
QPWIDAWKAKKALTGAETAEFRNETAGIAGKTGVTKLVEEALLKKKDSEASEIQTELKKYFSGHENEQWTAIEKLISEQP
VAQNLVGDNQPTKLGELEGNAKLTTILAYYRMETAGKFEVLTQK
;
A
2 'polypeptide(L)'
;QVQLQESGGGLVQAGGSLRLSCAASERTFSSLGMGWFRQGPGKEREFAAAISWSGVSTYYADSVKGRFTISRDNDKNTVY
LQMNSLKPDDTAVYYCAATSSWNDMALKSAGWYEYWGQGTQVTVSS
;
B
#
loop_
_chem_comp.id
_chem_comp.type
_chem_comp.name
_chem_comp.formula
BMA D-saccharide, beta linking beta-D-mannopyranose 'C6 H12 O6'
NAG D-saccharide, beta linking 2-acetamido-2-deoxy-beta-D-glucopyranose 'C8 H15 N O6'
#
# COMPACT_ATOMS: atom_id res chain seq x y z
N ALA A 1 32.94 -40.83 -17.56
CA ALA A 1 33.58 -41.86 -16.73
C ALA A 1 33.76 -41.36 -15.30
N ALA A 2 33.77 -42.27 -14.35
CA ALA A 2 33.98 -41.91 -12.95
C ALA A 2 35.24 -41.05 -12.80
N GLU A 3 35.19 -40.14 -11.81
CA GLU A 3 36.35 -39.35 -11.37
C GLU A 3 36.79 -38.31 -12.40
N LYS A 4 35.92 -37.94 -13.33
CA LYS A 4 36.21 -36.91 -14.32
C LYS A 4 35.41 -35.65 -14.02
N GLY A 5 35.80 -34.55 -14.66
CA GLY A 5 35.10 -33.29 -14.48
C GLY A 5 33.64 -33.38 -14.90
N PHE A 6 32.87 -32.40 -14.43
CA PHE A 6 31.41 -32.45 -14.55
C PHE A 6 30.97 -31.68 -15.79
N LYS A 7 30.23 -32.37 -16.66
CA LYS A 7 29.55 -31.73 -17.78
C LYS A 7 28.35 -30.94 -17.28
N GLN A 8 27.85 -30.09 -18.18
CA GLN A 8 26.86 -29.07 -17.84
C GLN A 8 25.55 -29.67 -17.34
N ALA A 9 25.21 -30.89 -17.74
CA ALA A 9 23.98 -31.48 -17.23
C ALA A 9 23.99 -31.59 -15.71
N PHE A 10 25.18 -31.67 -15.11
CA PHE A 10 25.32 -31.75 -13.66
C PHE A 10 25.10 -30.38 -13.01
N TRP A 11 25.84 -29.37 -13.46
CA TRP A 11 25.86 -28.12 -12.72
C TRP A 11 24.82 -27.10 -13.18
N GLN A 12 24.37 -27.18 -14.44
CA GLN A 12 23.34 -26.25 -14.90
C GLN A 12 22.11 -26.23 -14.00
N PRO A 13 21.53 -27.37 -13.60
CA PRO A 13 20.38 -27.28 -12.67
C PRO A 13 20.70 -26.63 -11.34
N LEU A 14 21.94 -26.74 -10.87
CA LEU A 14 22.31 -26.01 -9.66
C LEU A 14 22.36 -24.51 -9.92
N CYS A 15 22.89 -24.11 -11.09
CA CYS A 15 22.86 -22.71 -11.46
C CYS A 15 21.44 -22.18 -11.44
N GLN A 16 20.49 -22.97 -11.97
CA GLN A 16 19.11 -22.52 -12.07
C GLN A 16 18.48 -22.34 -10.69
N VAL A 17 18.77 -23.24 -9.76
CA VAL A 17 18.27 -23.08 -8.40
C VAL A 17 18.90 -21.85 -7.75
N SER A 18 20.22 -21.68 -7.90
CA SER A 18 20.92 -20.57 -7.28
C SER A 18 20.36 -19.23 -7.75
N GLU A 19 20.09 -19.11 -9.06
CA GLU A 19 19.51 -17.89 -9.60
C GLU A 19 18.11 -17.63 -9.08
N GLU A 20 17.32 -18.67 -8.85
CA GLU A 20 15.98 -18.46 -8.33
C GLU A 20 16.00 -18.16 -6.83
N LEU A 21 16.92 -18.76 -6.07
CA LEU A 21 17.04 -18.43 -4.65
C LEU A 21 17.42 -16.97 -4.46
N ASP A 22 18.21 -16.43 -5.37
CA ASP A 22 18.58 -15.01 -5.37
C ASP A 22 17.35 -14.10 -5.34
N ASP A 23 16.20 -14.56 -5.82
CA ASP A 23 15.02 -13.71 -5.82
C ASP A 23 14.21 -13.81 -4.53
N GLN A 24 14.46 -14.82 -3.69
CA GLN A 24 13.68 -14.91 -2.46
C GLN A 24 13.80 -13.69 -1.58
N PRO A 25 14.98 -13.08 -1.37
CA PRO A 25 15.00 -11.82 -0.60
C PRO A 25 14.22 -10.72 -1.28
N LYS A 26 14.23 -10.67 -2.62
CA LYS A 26 13.42 -9.68 -3.34
C LYS A 26 11.96 -9.84 -3.02
N GLY A 27 11.46 -11.08 -3.02
CA GLY A 27 10.06 -11.30 -2.71
C GLY A 27 9.74 -11.03 -1.26
N ALA A 28 10.72 -11.17 -0.37
CA ALA A 28 10.53 -10.83 1.04
C ALA A 28 10.34 -9.33 1.21
N LEU A 29 11.22 -8.54 0.58
CA LEU A 29 11.04 -7.10 0.60
C LEU A 29 9.72 -6.71 -0.07
N PHE A 30 9.40 -7.34 -1.21
CA PHE A 30 8.12 -7.05 -1.87
C PHE A 30 6.95 -7.27 -0.93
N THR A 31 6.91 -8.42 -0.24
CA THR A 31 5.77 -8.75 0.61
C THR A 31 5.71 -7.87 1.86
N LEU A 32 6.86 -7.54 2.45
CA LEU A 32 6.83 -6.70 3.65
C LEU A 32 6.38 -5.29 3.33
N GLN A 33 6.85 -4.74 2.21
CA GLN A 33 6.41 -3.41 1.81
C GLN A 33 4.94 -3.42 1.38
N ALA A 34 4.51 -4.48 0.70
CA ALA A 34 3.12 -4.55 0.27
C ALA A 34 2.19 -4.64 1.48
N ALA A 35 2.55 -5.45 2.48
CA ALA A 35 1.75 -5.52 3.70
C ALA A 35 1.62 -4.14 4.33
N ALA A 36 2.75 -3.44 4.52
CA ALA A 36 2.71 -2.12 5.13
C ALA A 36 1.89 -1.16 4.28
N SER A 37 2.06 -1.25 2.95
CA SER A 37 1.36 -0.35 2.04
C SER A 37 -0.15 -0.59 2.06
N LYS A 38 -0.57 -1.86 2.10
CA LYS A 38 -1.99 -2.17 2.19
C LYS A 38 -2.57 -1.74 3.54
N ILE A 39 -1.81 -1.88 4.61
CA ILE A 39 -2.27 -1.39 5.91
C ILE A 39 -2.49 0.11 5.85
N GLN A 40 -1.55 0.83 5.25
CA GLN A 40 -1.68 2.28 5.07
C GLN A 40 -2.92 2.63 4.24
N LYS A 41 -3.24 1.82 3.21
CA LYS A 41 -4.44 2.08 2.43
C LYS A 41 -5.69 1.84 3.26
N MET A 42 -5.70 0.80 4.10
CA MET A 42 -6.84 0.59 4.99
C MET A 42 -7.00 1.75 5.96
N ARG A 43 -5.88 2.21 6.54
CA ARG A 43 -5.92 3.29 7.50
C ARG A 43 -6.32 4.62 6.84
N ASP A 44 -5.82 4.91 5.62
CA ASP A 44 -6.28 6.10 4.90
C ASP A 44 -7.80 6.09 4.77
N ALA A 45 -8.36 4.93 4.40
CA ALA A 45 -9.80 4.85 4.22
C ALA A 45 -10.53 5.05 5.55
N ALA A 46 -9.98 4.49 6.63
CA ALA A 46 -10.59 4.70 7.93
C ALA A 46 -10.55 6.17 8.32
N LEU A 47 -9.39 6.81 8.12
CA LEU A 47 -9.23 8.22 8.44
C LEU A 47 -10.18 9.09 7.62
N ARG A 48 -10.33 8.79 6.33
CA ARG A 48 -11.23 9.56 5.48
C ARG A 48 -12.66 9.46 5.99
N ALA A 49 -13.14 8.23 6.25
CA ALA A 49 -14.45 8.04 6.84
C ALA A 49 -14.57 8.77 8.19
N SER A 50 -13.51 8.71 9.01
CA SER A 50 -13.59 9.35 10.32
C SER A 50 -13.73 10.86 10.17
N ILE A 51 -12.97 11.45 9.24
CA ILE A 51 -13.09 12.88 8.99
C ILE A 51 -14.50 13.21 8.51
N TYR A 52 -15.03 12.40 7.58
CA TYR A 52 -16.39 12.62 7.11
C TYR A 52 -17.38 12.64 8.26
N ALA A 53 -17.23 11.70 9.21
CA ALA A 53 -18.14 11.64 10.34
C ALA A 53 -17.97 12.85 11.26
N GLU A 54 -16.73 13.32 11.47
CA GLU A 54 -16.54 14.46 12.36
C GLU A 54 -17.14 15.73 11.77
N ILE A 55 -17.05 15.90 10.45
CA ILE A 55 -17.56 17.10 9.82
C ILE A 55 -19.08 17.09 9.82
N ASN A 56 -19.68 15.96 9.47
CA ASN A 56 -21.12 15.87 9.20
C ASN A 56 -21.92 15.34 10.37
N HIS A 57 -21.49 15.66 11.59
CA HIS A 57 -22.12 15.17 12.80
C HIS A 57 -23.64 15.33 12.78
N GLY A 58 -24.32 14.27 13.23
CA GLY A 58 -25.77 14.25 13.23
C GLY A 58 -26.36 13.28 12.22
N THR A 59 -26.15 13.56 10.95
CA THR A 59 -26.81 12.88 9.84
C THR A 59 -26.73 11.35 9.88
N ASN A 60 -27.69 10.70 9.23
CA ASN A 60 -27.61 9.25 9.04
C ASN A 60 -26.32 8.85 8.34
N ARG A 61 -25.90 9.66 7.36
CA ARG A 61 -24.66 9.39 6.62
C ARG A 61 -23.45 9.40 7.55
N ALA A 62 -23.41 10.30 8.52
CA ALA A 62 -22.29 10.30 9.46
C ALA A 62 -22.23 9.00 10.24
N LYS A 63 -23.39 8.43 10.61
CA LYS A 63 -23.36 7.17 11.35
C LYS A 63 -22.89 6.02 10.45
N ALA A 64 -23.35 6.01 9.19
CA ALA A 64 -22.81 5.07 8.22
C ALA A 64 -21.29 5.22 8.13
N ALA A 65 -20.80 6.46 8.09
CA ALA A 65 -19.36 6.69 8.00
C ALA A 65 -18.63 6.18 9.23
N VAL A 66 -19.24 6.26 10.42
CA VAL A 66 -18.62 5.70 11.62
C VAL A 66 -18.45 4.19 11.48
N ILE A 67 -19.46 3.50 10.96
CA ILE A 67 -19.36 2.06 10.73
C ILE A 67 -18.29 1.76 9.69
N VAL A 68 -18.20 2.58 8.64
CA VAL A 68 -17.18 2.40 7.62
C VAL A 68 -15.79 2.60 8.21
N ALA A 69 -15.62 3.65 9.05
CA ALA A 69 -14.31 3.91 9.64
C ALA A 69 -13.87 2.77 10.55
N ASN A 70 -14.81 2.26 11.36
CA ASN A 70 -14.50 1.13 12.22
C ASN A 70 -14.02 -0.07 11.41
N HIS A 71 -14.70 -0.35 10.30
CA HIS A 71 -14.34 -1.48 9.47
C HIS A 71 -12.89 -1.37 8.98
N TYR A 72 -12.54 -0.23 8.38
CA TYR A 72 -11.19 -0.10 7.83
C TYR A 72 -10.14 -0.01 8.92
N ALA A 73 -10.46 0.58 10.07
CA ALA A 73 -9.49 0.62 11.15
C ALA A 73 -9.17 -0.78 11.65
N MET A 74 -10.20 -1.62 11.78
CA MET A 74 -9.99 -3.01 12.15
C MET A 74 -9.14 -3.73 11.10
N LYS A 75 -9.44 -3.54 9.81
CA LYS A 75 -8.59 -4.13 8.78
C LYS A 75 -7.14 -3.68 8.95
N ALA A 76 -6.93 -2.38 9.18
CA ALA A 76 -5.57 -1.88 9.37
C ALA A 76 -4.92 -2.48 10.62
N ASP A 77 -5.68 -2.58 11.72
CA ASP A 77 -5.15 -3.20 12.93
C ASP A 77 -4.79 -4.67 12.69
N SER A 78 -5.68 -5.41 12.05
CA SER A 78 -5.47 -6.84 11.89
C SER A 78 -4.33 -7.12 10.91
N GLY A 79 -4.13 -6.27 9.91
CA GLY A 79 -3.00 -6.45 9.01
C GLY A 79 -1.68 -6.21 9.70
N LEU A 80 -1.64 -5.21 10.59
CA LEU A 80 -0.42 -4.97 11.34
C LEU A 80 -0.12 -6.11 12.29
N GLU A 81 -1.16 -6.69 12.91
CA GLU A 81 -0.95 -7.84 13.78
C GLU A 81 -0.47 -9.05 12.98
N ALA A 82 -1.04 -9.26 11.79
CA ALA A 82 -0.57 -10.34 10.91
C ALA A 82 0.88 -10.12 10.49
N LEU A 83 1.26 -8.88 10.22
CA LEU A 83 2.64 -8.60 9.86
C LEU A 83 3.59 -8.92 11.01
N LYS A 84 3.21 -8.54 12.23
CA LYS A 84 4.02 -8.87 13.39
C LYS A 84 4.06 -10.38 13.66
N GLN A 85 2.90 -11.03 13.67
CA GLN A 85 2.82 -12.39 14.18
C GLN A 85 3.08 -13.46 13.14
N THR A 86 2.88 -13.19 11.85
CA THR A 86 3.03 -14.21 10.82
C THR A 86 4.00 -13.81 9.72
N LEU A 87 3.80 -12.66 9.06
CA LEU A 87 4.55 -12.37 7.84
C LEU A 87 6.02 -12.13 8.13
N SER A 88 6.33 -11.43 9.23
CA SER A 88 7.72 -11.11 9.54
C SER A 88 8.58 -12.37 9.62
N SER A 89 8.13 -13.36 10.40
CA SER A 89 8.88 -14.60 10.52
C SER A 89 8.93 -15.37 9.21
N GLN A 90 7.81 -15.44 8.49
CA GLN A 90 7.78 -16.12 7.20
C GLN A 90 8.82 -15.57 6.25
N GLU A 91 8.92 -14.24 6.17
CA GLU A 91 9.76 -13.63 5.15
C GLU A 91 11.21 -13.59 5.58
N VAL A 92 11.47 -13.38 6.87
CA VAL A 92 12.84 -13.53 7.36
C VAL A 92 13.31 -14.97 7.17
N THR A 93 12.46 -15.94 7.48
CA THR A 93 12.86 -17.34 7.37
C THR A 93 13.11 -17.76 5.93
N ALA A 94 12.26 -17.32 5.00
CA ALA A 94 12.50 -17.64 3.59
C ALA A 94 13.75 -16.95 3.06
N THR A 95 13.98 -15.68 3.44
CA THR A 95 15.21 -14.97 3.06
C THR A 95 16.44 -15.71 3.59
N ALA A 96 16.40 -16.10 4.86
CA ALA A 96 17.56 -16.73 5.49
C ALA A 96 17.84 -18.10 4.90
N THR A 97 16.82 -18.95 4.78
CA THR A 97 17.07 -20.31 4.30
C THR A 97 17.49 -20.30 2.84
N ALA A 98 16.82 -19.51 2.00
CA ALA A 98 17.21 -19.44 0.59
C ALA A 98 18.60 -18.87 0.42
N SER A 99 18.92 -17.78 1.12
CA SER A 99 20.24 -17.17 0.97
C SER A 99 21.33 -18.08 1.51
N TYR A 100 21.05 -18.80 2.60
CA TYR A 100 22.01 -19.76 3.14
C TYR A 100 22.27 -20.89 2.14
N LEU A 101 21.21 -21.52 1.65
CA LEU A 101 21.35 -22.55 0.62
C LEU A 101 22.05 -22.01 -0.63
N LYS A 102 21.72 -20.80 -1.04
CA LYS A 102 22.41 -20.22 -2.20
C LYS A 102 23.92 -20.07 -1.96
N GLY A 103 24.32 -19.70 -0.74
CA GLY A 103 25.75 -19.60 -0.45
C GLY A 103 26.41 -20.96 -0.46
N ARG A 104 25.70 -21.98 0.02
CA ARG A 104 26.24 -23.34 0.02
C ARG A 104 26.48 -23.80 -1.42
N ILE A 105 25.47 -23.60 -2.28
CA ILE A 105 25.56 -23.98 -3.68
C ILE A 105 26.63 -23.16 -4.39
N ASP A 106 26.61 -21.85 -4.18
CA ASP A 106 27.51 -20.95 -4.91
C ASP A 106 28.97 -21.23 -4.58
N GLU A 107 29.28 -21.50 -3.31
CA GLU A 107 30.67 -21.81 -2.97
C GLU A 107 31.16 -23.05 -3.69
N TYR A 108 30.31 -24.09 -3.76
CA TYR A 108 30.65 -25.32 -4.48
C TYR A 108 30.81 -25.07 -5.98
N LEU A 109 29.85 -24.35 -6.59
CA LEU A 109 29.94 -24.09 -8.02
C LEU A 109 31.18 -23.26 -8.32
N ASN A 110 31.46 -22.28 -7.46
CA ASN A 110 32.63 -21.44 -7.67
C ASN A 110 33.91 -22.24 -7.52
N LEU A 111 33.90 -23.26 -6.68
CA LEU A 111 35.08 -24.12 -6.57
C LEU A 111 35.28 -24.95 -7.84
N LEU A 112 34.22 -25.57 -8.35
CA LEU A 112 34.31 -26.28 -9.64
C LEU A 112 34.78 -25.34 -10.74
N LEU A 113 34.22 -24.13 -10.79
CA LEU A 113 34.54 -23.18 -11.84
C LEU A 113 36.04 -22.89 -11.88
N GLN A 114 36.69 -22.78 -10.71
CA GLN A 114 38.09 -22.42 -10.65
C GLN A 114 39.04 -23.61 -10.74
N THR A 115 38.57 -24.82 -10.49
CA THR A 115 39.49 -25.95 -10.40
C THR A 115 39.63 -26.57 -11.78
N LYS A 116 40.59 -26.03 -12.55
CA LYS A 116 40.83 -26.54 -13.90
C LYS A 116 42.31 -26.50 -14.18
N GLU A 117 42.74 -27.37 -15.10
CA GLU A 117 44.13 -27.41 -15.53
C GLU A 117 44.38 -26.66 -16.83
N SER A 118 43.35 -26.50 -17.66
CA SER A 118 43.51 -25.94 -18.99
C SER A 118 42.13 -25.59 -19.53
N GLY A 119 42.08 -25.11 -20.78
CA GLY A 119 40.82 -24.81 -21.43
C GLY A 119 39.99 -26.03 -21.75
N THR A 120 40.60 -27.22 -21.79
CA THR A 120 39.91 -28.45 -22.13
C THR A 120 39.79 -29.43 -20.98
N SER A 121 40.39 -29.15 -19.83
CA SER A 121 40.44 -30.15 -18.76
C SER A 121 40.19 -29.46 -17.42
N GLY A 122 39.07 -29.78 -16.79
CA GLY A 122 38.78 -29.19 -15.49
C GLY A 122 37.48 -29.73 -14.92
N CYS A 123 37.12 -29.18 -13.75
CA CYS A 123 35.98 -29.69 -13.01
C CYS A 123 34.64 -29.23 -13.56
N MET A 124 34.61 -28.12 -14.29
CA MET A 124 33.35 -27.55 -14.79
C MET A 124 33.42 -27.50 -16.32
N MET A 125 32.77 -28.45 -16.97
CA MET A 125 32.81 -28.62 -18.42
C MET A 125 31.51 -28.17 -19.07
N ASP A 126 31.59 -27.89 -20.37
CA ASP A 126 30.41 -27.53 -21.13
C ASP A 126 29.53 -28.76 -21.36
N THR A 127 28.44 -28.56 -22.09
CA THR A 127 27.46 -29.62 -22.33
C THR A 127 28.09 -30.86 -22.95
N SER A 128 29.01 -30.67 -23.90
CA SER A 128 29.60 -31.78 -24.62
C SER A 128 30.89 -32.27 -23.99
N GLY A 129 31.36 -31.60 -22.94
CA GLY A 129 32.66 -31.93 -22.40
C GLY A 129 33.79 -31.65 -23.36
N THR A 130 33.65 -30.62 -24.18
CA THR A 130 34.75 -30.18 -25.05
C THR A 130 35.68 -29.21 -24.32
N ASN A 131 35.13 -28.15 -23.77
CA ASN A 131 35.93 -27.15 -23.09
C ASN A 131 35.43 -26.94 -21.66
N THR A 132 36.33 -26.46 -20.82
CA THR A 132 35.90 -25.91 -19.55
C THR A 132 35.11 -24.63 -19.83
N VAL A 133 34.24 -24.28 -18.89
CA VAL A 133 33.42 -23.09 -19.01
C VAL A 133 34.06 -21.96 -18.21
N THR A 134 33.64 -20.72 -18.50
CA THR A 134 34.11 -19.53 -17.82
C THR A 134 32.90 -18.68 -17.46
N LYS A 135 33.04 -17.87 -16.42
CA LYS A 135 31.98 -16.96 -16.01
C LYS A 135 32.24 -15.59 -16.62
N ALA A 136 31.24 -15.06 -17.30
CA ALA A 136 31.36 -13.73 -17.91
C ALA A 136 29.97 -13.18 -18.10
N GLY A 137 29.83 -11.86 -17.94
CA GLY A 137 28.50 -11.37 -17.72
C GLY A 137 28.00 -12.03 -16.46
N GLY A 138 26.75 -12.41 -16.46
CA GLY A 138 26.35 -13.19 -15.31
C GLY A 138 26.06 -14.62 -15.71
N THR A 139 26.83 -15.17 -16.66
CA THR A 139 26.52 -16.47 -17.23
C THR A 139 27.75 -17.35 -17.31
N ILE A 140 27.50 -18.65 -17.21
CA ILE A 140 28.52 -19.68 -17.30
C ILE A 140 28.04 -20.67 -18.35
N GLY A 141 28.83 -20.84 -19.42
CA GLY A 141 28.42 -21.71 -20.51
C GLY A 141 27.07 -21.38 -21.09
N GLY A 142 26.72 -20.10 -21.16
CA GLY A 142 25.41 -19.68 -21.61
C GLY A 142 24.32 -19.70 -20.56
N VAL A 143 24.58 -20.26 -19.39
CA VAL A 143 23.58 -20.42 -18.34
C VAL A 143 23.65 -19.23 -17.38
N PRO A 144 22.55 -18.53 -17.11
CA PRO A 144 22.58 -17.50 -16.09
C PRO A 144 23.05 -18.12 -14.78
N CYS A 145 24.08 -17.52 -14.19
CA CYS A 145 24.76 -18.10 -13.04
C CYS A 145 25.76 -17.10 -12.49
N LYS A 146 25.27 -16.14 -11.72
CA LYS A 146 26.10 -15.04 -11.24
C LYS A 146 27.01 -15.45 -10.10
N LEU A 147 26.63 -16.48 -9.34
CA LEU A 147 27.39 -16.90 -8.16
C LEU A 147 27.57 -15.74 -7.18
N GLN A 148 26.51 -14.94 -7.03
CA GLN A 148 26.57 -13.80 -6.13
C GLN A 148 25.19 -13.33 -5.68
N LEU A 149 25.14 -12.65 -4.55
CA LEU A 149 23.90 -12.12 -4.01
C LEU A 149 23.64 -10.76 -4.65
N SER A 150 22.79 -10.76 -5.68
CA SER A 150 22.46 -9.52 -6.39
C SER A 150 21.69 -8.52 -5.53
N PRO A 151 21.76 -7.24 -5.90
CA PRO A 151 21.08 -6.15 -5.17
C PRO A 151 19.59 -6.44 -4.99
N ILE A 152 19.08 -6.12 -3.80
CA ILE A 152 17.74 -6.52 -3.40
C ILE A 152 16.78 -5.37 -3.70
N GLN A 153 15.96 -5.55 -4.74
CA GLN A 153 14.86 -4.68 -5.02
C GLN A 153 13.58 -5.50 -5.09
N PRO A 154 12.45 -4.95 -4.68
CA PRO A 154 11.24 -5.77 -4.57
C PRO A 154 10.85 -6.39 -5.90
N LYS A 155 10.38 -7.64 -5.84
CA LYS A 155 9.94 -8.39 -7.01
C LYS A 155 9.37 -9.71 -6.51
N ARG A 156 8.29 -10.16 -7.13
CA ARG A 156 7.78 -11.50 -6.83
C ARG A 156 8.75 -12.53 -7.39
N PRO A 157 9.15 -13.53 -6.62
CA PRO A 157 10.08 -14.54 -7.15
C PRO A 157 9.37 -15.59 -7.99
N ALA A 158 10.08 -16.07 -9.01
CA ALA A 158 9.60 -17.22 -9.77
C ALA A 158 9.57 -18.44 -8.88
N ALA A 159 8.74 -19.40 -9.27
CA ALA A 159 8.73 -20.73 -8.70
C ALA A 159 8.97 -21.76 -9.80
N THR A 160 9.88 -21.45 -10.72
CA THR A 160 10.15 -22.35 -11.84
C THR A 160 10.98 -23.54 -11.39
N TYR A 161 12.05 -23.30 -10.61
CA TYR A 161 12.96 -24.37 -10.22
C TYR A 161 12.85 -24.78 -8.77
N LEU A 162 12.20 -23.97 -7.91
CA LEU A 162 11.85 -24.40 -6.56
C LEU A 162 10.38 -24.05 -6.34
N GLY A 163 9.55 -25.06 -6.16
CA GLY A 163 8.13 -24.82 -6.05
C GLY A 163 7.48 -25.70 -5.00
N LYS A 164 6.15 -25.87 -5.11
CA LYS A 164 5.42 -26.60 -4.09
C LYS A 164 5.91 -28.04 -3.97
N ALA A 165 6.34 -28.66 -5.06
CA ALA A 165 6.72 -30.08 -4.98
C ALA A 165 8.16 -30.29 -4.54
N GLY A 166 9.04 -29.36 -4.83
CA GLY A 166 10.45 -29.49 -4.54
C GLY A 166 11.26 -28.81 -5.63
N TYR A 167 12.48 -29.33 -5.82
CA TYR A 167 13.42 -28.75 -6.80
C TYR A 167 13.22 -29.51 -8.10
N VAL A 168 12.44 -28.93 -9.01
CA VAL A 168 11.87 -29.71 -10.10
C VAL A 168 12.96 -30.20 -11.06
N GLY A 169 14.08 -29.48 -11.15
CA GLY A 169 15.16 -29.94 -11.98
C GLY A 169 16.16 -30.89 -11.32
N LEU A 170 15.99 -31.19 -10.04
CA LEU A 170 16.96 -32.02 -9.32
C LEU A 170 16.37 -33.41 -9.12
N THR A 171 16.22 -34.10 -10.24
CA THR A 171 15.64 -35.43 -10.32
C THR A 171 16.71 -36.50 -10.15
N ARG A 172 16.23 -37.73 -9.97
CA ARG A 172 17.11 -38.88 -9.87
C ARG A 172 17.99 -38.99 -11.12
N GLN A 173 19.26 -39.29 -10.91
CA GLN A 173 20.19 -39.50 -12.00
C GLN A 173 20.64 -40.96 -11.96
N ALA A 174 20.25 -41.72 -12.96
CA ALA A 174 20.55 -43.14 -13.01
C ALA A 174 21.90 -43.46 -13.65
N ASP A 175 22.49 -42.55 -14.43
CA ASP A 175 23.76 -42.81 -15.10
C ASP A 175 24.69 -41.58 -14.97
N ALA A 176 25.12 -41.30 -13.75
CA ALA A 176 26.02 -40.18 -13.50
C ALA A 176 27.35 -40.35 -14.25
N ALA A 177 27.86 -41.58 -14.33
CA ALA A 177 29.15 -41.81 -14.97
C ALA A 177 29.17 -41.34 -16.43
N ASN A 178 28.06 -41.40 -17.14
CA ASN A 178 28.02 -40.91 -18.51
C ASN A 178 27.35 -39.56 -18.66
N ASN A 179 26.34 -39.25 -17.84
CA ASN A 179 25.60 -38.00 -18.04
C ASN A 179 26.19 -36.84 -17.23
N PHE A 180 26.76 -37.11 -16.05
CA PHE A 180 27.35 -36.04 -15.25
C PHE A 180 28.85 -35.90 -15.51
N HIS A 181 29.59 -37.01 -15.53
CA HIS A 181 31.04 -36.98 -15.67
C HIS A 181 31.44 -37.00 -17.14
N ASP A 182 32.41 -36.16 -17.48
CA ASP A 182 33.10 -36.21 -18.75
C ASP A 182 33.86 -37.53 -18.93
N ASN A 183 34.37 -37.76 -20.13
CA ASN A 183 35.21 -38.93 -20.31
C ASN A 183 36.68 -38.65 -20.00
N ASP A 184 37.17 -37.42 -20.18
CA ASP A 184 38.61 -37.14 -20.06
C ASP A 184 38.99 -36.05 -19.07
N ALA A 185 38.10 -35.10 -18.76
CA ALA A 185 38.47 -33.94 -17.95
C ALA A 185 38.96 -34.36 -16.57
N GLU A 186 40.09 -33.82 -16.15
CA GLU A 186 40.66 -34.15 -14.86
C GLU A 186 40.07 -33.26 -13.78
N CYS A 187 39.70 -33.84 -12.65
CA CYS A 187 39.01 -33.07 -11.61
C CYS A 187 39.14 -33.82 -10.30
N ARG A 188 40.07 -33.38 -9.44
CA ARG A 188 40.24 -34.10 -8.19
C ARG A 188 39.04 -33.96 -7.25
N LEU A 189 38.10 -33.05 -7.53
CA LEU A 189 36.90 -32.91 -6.73
C LEU A 189 35.80 -33.89 -7.10
N ALA A 190 36.03 -34.72 -8.11
CA ALA A 190 35.03 -35.68 -8.53
C ALA A 190 35.13 -37.01 -7.80
N SER A 191 36.10 -37.16 -6.91
CA SER A 191 36.36 -38.46 -6.29
C SER A 191 37.18 -38.26 -5.02
N GLY A 192 36.97 -39.17 -4.07
CA GLY A 192 37.76 -39.18 -2.85
C GLY A 192 38.93 -40.11 -2.86
N HIS A 193 39.15 -40.81 -3.96
CA HIS A 193 40.29 -41.73 -4.09
C HIS A 193 41.56 -40.93 -4.43
N ASN A 194 42.72 -41.49 -4.10
CA ASN A 194 43.94 -40.68 -4.20
C ASN A 194 44.51 -40.58 -5.63
N THR A 195 44.32 -41.61 -6.47
CA THR A 195 44.90 -41.55 -7.81
C THR A 195 44.38 -40.34 -8.59
N ASN A 196 43.04 -40.22 -8.69
CA ASN A 196 42.41 -39.16 -9.45
C ASN A 196 41.60 -38.18 -8.63
N GLY A 197 41.52 -38.35 -7.30
CA GLY A 197 40.65 -37.50 -6.51
C GLY A 197 41.30 -36.74 -5.38
N LEU A 198 40.54 -36.50 -4.31
CA LEU A 198 41.00 -35.61 -3.26
C LEU A 198 42.01 -36.27 -2.33
N GLY A 199 42.10 -37.59 -2.32
CA GLY A 199 43.03 -38.25 -1.43
C GLY A 199 44.47 -37.98 -1.84
N LYS A 200 45.35 -37.92 -0.85
CA LYS A 200 46.74 -37.66 -1.15
C LYS A 200 47.52 -38.98 -1.10
N SER A 201 47.86 -39.50 0.07
CA SER A 201 48.61 -40.76 0.08
C SER A 201 47.71 -41.99 0.13
N GLY A 202 46.43 -41.81 0.45
CA GLY A 202 45.45 -42.87 0.34
C GLY A 202 44.13 -42.20 0.09
N GLN A 203 43.08 -43.01 0.03
CA GLN A 203 41.74 -42.47 -0.14
C GLN A 203 41.32 -41.68 1.10
N LEU A 204 40.40 -40.73 0.89
CA LEU A 204 39.74 -40.10 2.03
C LEU A 204 39.08 -41.17 2.89
N SER A 205 38.94 -40.88 4.19
CA SER A 205 38.46 -41.92 5.07
C SER A 205 36.95 -42.14 4.96
N ALA A 206 36.25 -41.33 4.17
CA ALA A 206 34.81 -41.47 4.05
C ALA A 206 34.37 -40.77 2.78
N ALA A 207 33.16 -41.09 2.33
CA ALA A 207 32.53 -40.28 1.28
C ALA A 207 32.32 -38.86 1.77
N VAL A 208 32.35 -37.91 0.83
CA VAL A 208 32.24 -36.49 1.13
C VAL A 208 30.99 -35.96 0.44
N THR A 209 30.17 -35.20 1.15
CA THR A 209 29.03 -34.56 0.51
C THR A 209 29.34 -33.09 0.28
N MET A 210 28.84 -32.55 -0.84
CA MET A 210 29.05 -31.15 -1.18
C MET A 210 27.73 -30.51 -1.64
N ALA A 211 27.74 -29.17 -1.61
CA ALA A 211 26.56 -28.34 -1.91
C ALA A 211 25.41 -28.67 -0.95
N ALA A 212 25.70 -28.51 0.34
CA ALA A 212 24.77 -28.83 1.42
C ALA A 212 24.15 -30.23 1.22
N GLY A 213 25.01 -31.21 0.97
CA GLY A 213 24.60 -32.59 0.90
C GLY A 213 23.93 -33.01 -0.40
N TYR A 214 24.00 -32.18 -1.46
CA TYR A 214 23.35 -32.54 -2.71
C TYR A 214 24.08 -33.66 -3.42
N VAL A 215 25.40 -33.57 -3.51
CA VAL A 215 26.21 -34.53 -4.26
C VAL A 215 27.06 -35.31 -3.28
N THR A 216 27.16 -36.62 -3.51
CA THR A 216 27.98 -37.48 -2.66
C THR A 216 29.15 -37.99 -3.49
N VAL A 217 30.34 -37.72 -2.99
CA VAL A 217 31.60 -38.04 -3.65
C VAL A 217 32.22 -39.19 -2.86
N ALA A 218 32.16 -40.41 -3.41
CA ALA A 218 32.64 -41.58 -2.70
C ALA A 218 34.17 -41.58 -2.62
N ASN A 219 34.70 -42.28 -1.60
CA ASN A 219 36.14 -42.43 -1.50
C ASN A 219 36.67 -43.60 -2.32
N SER A 220 35.81 -44.28 -3.08
CA SER A 220 36.20 -45.26 -4.08
C SER A 220 36.18 -44.63 -5.47
N GLN A 221 36.57 -45.42 -6.48
CA GLN A 221 36.61 -44.94 -7.86
C GLN A 221 35.26 -45.18 -8.56
N THR A 222 34.22 -44.59 -8.00
CA THR A 222 32.88 -44.67 -8.56
C THR A 222 32.36 -43.26 -8.83
N ALA A 223 31.36 -43.18 -9.70
CA ALA A 223 30.73 -41.92 -10.03
C ALA A 223 30.02 -41.32 -8.83
N VAL A 224 29.83 -40.00 -8.86
CA VAL A 224 29.07 -39.35 -7.80
C VAL A 224 27.61 -39.81 -7.84
N THR A 225 26.93 -39.61 -6.71
CA THR A 225 25.49 -39.74 -6.64
C THR A 225 24.92 -38.41 -6.17
N VAL A 226 23.68 -38.13 -6.57
CA VAL A 226 23.00 -36.88 -6.22
C VAL A 226 21.67 -37.21 -5.56
N GLN A 227 21.22 -36.30 -4.70
CA GLN A 227 19.89 -36.41 -4.13
C GLN A 227 18.84 -36.15 -5.20
N ALA A 228 17.77 -36.94 -5.19
CA ALA A 228 16.56 -36.59 -5.91
C ALA A 228 15.75 -35.68 -4.99
N LEU A 229 15.46 -34.47 -5.44
CA LEU A 229 14.83 -33.49 -4.56
C LEU A 229 13.58 -32.89 -5.18
N ASP A 230 13.03 -33.55 -6.19
CA ASP A 230 11.88 -33.04 -6.94
C ASP A 230 10.55 -33.40 -6.31
N ALA A 231 10.53 -34.21 -5.26
CA ALA A 231 9.28 -34.68 -4.65
C ALA A 231 9.51 -34.70 -3.13
N LEU A 232 9.59 -33.52 -2.53
CA LEU A 232 10.12 -33.38 -1.18
C LEU A 232 9.08 -33.68 -0.12
N GLN A 233 9.59 -34.10 1.04
CA GLN A 233 8.81 -34.43 2.23
C GLN A 233 9.42 -33.75 3.45
N GLU A 234 8.57 -33.24 4.33
CA GLU A 234 9.02 -32.51 5.52
C GLU A 234 9.84 -33.42 6.43
N ALA A 235 11.13 -33.15 6.55
CA ALA A 235 12.01 -33.99 7.34
C ALA A 235 12.86 -33.16 8.29
N ALA A 238 18.17 -34.30 8.07
CA ALA A 238 18.73 -34.92 6.87
C ALA A 238 20.15 -34.41 6.62
N ALA A 239 20.91 -35.18 5.84
CA ALA A 239 22.21 -34.68 5.41
C ALA A 239 22.07 -33.58 4.35
N HIS A 240 20.87 -33.30 3.88
CA HIS A 240 20.60 -32.23 2.93
C HIS A 240 19.52 -31.29 3.49
N GLN A 241 19.52 -31.12 4.80
CA GLN A 241 18.54 -30.28 5.47
C GLN A 241 18.42 -28.87 4.88
N PRO A 242 19.49 -28.14 4.53
CA PRO A 242 19.28 -26.78 4.00
C PRO A 242 18.41 -26.77 2.76
N TRP A 243 18.42 -27.84 1.96
CA TRP A 243 17.51 -27.94 0.83
C TRP A 243 16.06 -28.08 1.29
N ILE A 244 15.81 -28.90 2.32
CA ILE A 244 14.46 -29.02 2.87
C ILE A 244 14.04 -27.69 3.48
N ASP A 245 14.92 -27.05 4.25
CA ASP A 245 14.53 -25.80 4.92
C ASP A 245 14.08 -24.74 3.94
N ALA A 246 14.85 -24.53 2.86
CA ALA A 246 14.47 -23.50 1.90
C ALA A 246 13.18 -23.84 1.18
N TRP A 247 12.96 -25.12 0.85
CA TRP A 247 11.71 -25.52 0.20
C TRP A 247 10.51 -25.30 1.10
N LYS A 248 10.65 -25.65 2.38
CA LYS A 248 9.55 -25.50 3.33
C LYS A 248 9.25 -24.04 3.61
N ALA A 249 10.28 -23.22 3.78
CA ALA A 249 10.07 -21.80 4.04
C ALA A 249 9.37 -21.10 2.89
N LYS A 250 9.71 -21.47 1.66
CA LYS A 250 9.12 -20.82 0.50
C LYS A 250 7.68 -21.26 0.30
N LYS A 251 7.43 -22.56 0.52
CA LYS A 251 6.08 -23.09 0.39
C LYS A 251 5.14 -22.50 1.43
N ALA A 252 5.68 -22.09 2.59
CA ALA A 252 4.82 -21.55 3.65
C ALA A 252 4.39 -20.11 3.40
N LEU A 253 5.03 -19.39 2.48
CA LEU A 253 4.71 -17.99 2.28
C LEU A 253 3.27 -17.83 1.79
N THR A 254 2.57 -16.84 2.36
CA THR A 254 1.25 -16.46 1.89
C THR A 254 1.24 -15.15 1.14
N GLY A 255 2.23 -14.29 1.36
CA GLY A 255 2.20 -12.97 0.77
C GLY A 255 1.26 -12.08 1.53
N ALA A 256 1.20 -10.82 1.10
CA ALA A 256 0.28 -9.86 1.71
C ALA A 256 -1.09 -9.96 1.06
N GLU A 257 -1.63 -11.17 1.03
CA GLU A 257 -2.82 -11.49 0.29
C GLU A 257 -3.86 -12.23 1.13
N THR A 258 -3.57 -12.48 2.41
CA THR A 258 -4.57 -13.06 3.28
C THR A 258 -5.68 -12.03 3.57
N ALA A 259 -6.69 -12.49 4.30
CA ALA A 259 -7.94 -11.73 4.41
C ALA A 259 -7.71 -10.33 4.98
N GLU A 260 -6.75 -10.19 5.91
CA GLU A 260 -6.51 -8.89 6.56
C GLU A 260 -6.12 -7.82 5.57
N PHE A 261 -5.55 -8.21 4.44
CA PHE A 261 -5.04 -7.24 3.49
C PHE A 261 -5.96 -7.08 2.30
N ARG A 262 -7.05 -7.85 2.27
CA ARG A 262 -8.02 -7.84 1.15
C ARG A 262 -9.30 -7.10 1.55
N ASN A 263 -9.86 -6.30 0.65
CA ASN A 263 -11.14 -5.61 0.89
C ASN A 263 -12.29 -6.61 0.84
N GLU A 264 -13.35 -6.37 1.58
CA GLU A 264 -14.54 -7.28 1.61
C GLU A 264 -15.63 -6.67 0.73
N THR A 265 -16.19 -7.46 -0.18
CA THR A 265 -17.16 -6.94 -1.13
C THR A 265 -18.53 -7.59 -1.04
N ALA A 266 -18.76 -8.46 -0.05
CA ALA A 266 -20.09 -9.04 0.09
C ALA A 266 -21.01 -8.12 0.90
N GLY A 267 -22.06 -8.68 1.51
CA GLY A 267 -23.04 -7.86 2.20
C GLY A 267 -22.47 -7.11 3.38
N ILE A 268 -23.21 -6.08 3.81
CA ILE A 268 -22.70 -5.15 4.82
C ILE A 268 -22.66 -5.81 6.20
N ALA A 269 -23.69 -6.59 6.55
CA ALA A 269 -23.76 -7.15 7.90
C ALA A 269 -22.59 -8.08 8.18
N GLY A 270 -22.06 -8.74 7.14
CA GLY A 270 -20.91 -9.62 7.25
C GLY A 270 -19.55 -8.98 7.17
N LYS A 271 -19.46 -7.69 6.83
CA LYS A 271 -18.16 -7.03 6.82
C LYS A 271 -17.60 -6.92 8.23
N THR A 272 -16.27 -7.01 8.32
CA THR A 272 -15.57 -6.98 9.60
C THR A 272 -16.03 -5.83 10.49
N GLY A 273 -16.45 -6.16 11.72
CA GLY A 273 -16.77 -5.17 12.73
C GLY A 273 -18.21 -4.67 12.71
N VAL A 274 -18.94 -4.92 11.63
CA VAL A 274 -20.22 -4.25 11.43
C VAL A 274 -21.27 -4.75 12.42
N THR A 275 -21.49 -6.07 12.47
CA THR A 275 -22.56 -6.63 13.29
C THR A 275 -22.37 -6.29 14.77
N LYS A 276 -21.18 -6.43 15.25
CA LYS A 276 -20.87 -6.10 16.57
C LYS A 276 -21.13 -4.64 16.91
N LEU A 277 -20.69 -3.76 16.06
CA LEU A 277 -20.90 -2.34 16.29
C LEU A 277 -22.39 -2.00 16.25
N VAL A 278 -23.12 -2.55 15.29
CA VAL A 278 -24.56 -2.34 15.21
C VAL A 278 -25.25 -2.87 16.47
N GLU A 279 -24.90 -4.10 16.87
CA GLU A 279 -25.48 -4.72 18.06
C GLU A 279 -25.32 -3.84 19.29
N GLU A 280 -24.10 -3.45 19.59
CA GLU A 280 -23.90 -2.74 20.85
C GLU A 280 -24.22 -1.26 20.72
N ALA A 281 -23.83 -0.61 19.62
CA ALA A 281 -24.03 0.84 19.56
C ALA A 281 -25.46 1.22 19.21
N LEU A 282 -26.14 0.41 18.42
CA LEU A 282 -27.46 0.76 17.92
C LEU A 282 -28.57 -0.08 18.54
N LEU A 283 -28.37 -1.39 18.69
CA LEU A 283 -29.42 -2.23 19.28
C LEU A 283 -29.32 -2.33 20.79
N LYS A 284 -28.16 -2.00 21.38
CA LYS A 284 -27.92 -2.19 22.81
C LYS A 284 -28.20 -3.64 23.23
N LYS A 285 -27.92 -4.57 22.31
CA LYS A 285 -28.01 -5.99 22.57
C LYS A 285 -26.65 -6.63 22.34
N LYS A 286 -26.49 -7.84 22.85
CA LYS A 286 -25.25 -8.58 22.72
C LYS A 286 -25.36 -9.66 21.66
N ASP A 287 -26.56 -10.15 21.42
CA ASP A 287 -26.80 -11.09 20.35
C ASP A 287 -27.95 -10.57 19.49
N SER A 288 -27.93 -10.94 18.22
CA SER A 288 -28.85 -10.42 17.23
C SER A 288 -29.03 -11.46 16.15
N GLU A 289 -30.20 -11.47 15.53
CA GLU A 289 -30.34 -12.19 14.28
C GLU A 289 -30.18 -11.20 13.14
N ALA A 290 -29.61 -11.69 12.03
CA ALA A 290 -29.26 -10.81 10.92
C ALA A 290 -30.43 -9.98 10.44
N SER A 291 -31.66 -10.43 10.72
CA SER A 291 -32.85 -9.65 10.41
C SER A 291 -32.79 -8.27 11.09
N GLU A 292 -32.51 -8.25 12.41
CA GLU A 292 -32.45 -6.99 13.13
C GLU A 292 -31.28 -6.13 12.67
N ILE A 293 -30.15 -6.75 12.35
CA ILE A 293 -29.00 -6.00 11.89
C ILE A 293 -29.31 -5.29 10.57
N GLN A 294 -29.86 -6.05 9.60
CA GLN A 294 -30.16 -5.48 8.29
C GLN A 294 -31.17 -4.35 8.39
N THR A 295 -32.20 -4.51 9.22
CA THR A 295 -33.14 -3.42 9.46
C THR A 295 -32.40 -2.18 9.93
N GLU A 296 -31.44 -2.33 10.85
CA GLU A 296 -30.72 -1.17 11.34
C GLU A 296 -29.84 -0.56 10.26
N LEU A 297 -29.24 -1.40 9.43
CA LEU A 297 -28.38 -0.89 8.35
C LEU A 297 -29.17 -0.11 7.31
N LYS A 298 -30.42 -0.50 7.07
CA LYS A 298 -31.23 0.24 6.11
C LYS A 298 -31.40 1.70 6.51
N LYS A 299 -31.52 1.98 7.81
CA LYS A 299 -31.66 3.36 8.27
C LYS A 299 -30.48 4.23 7.84
N TYR A 300 -29.28 3.65 7.79
CA TYR A 300 -28.08 4.45 7.61
C TYR A 300 -27.42 4.27 6.26
N PHE A 301 -27.57 3.12 5.63
CA PHE A 301 -27.00 2.90 4.31
C PHE A 301 -28.05 2.90 3.22
N SER A 302 -29.33 3.00 3.57
CA SER A 302 -30.45 2.83 2.65
C SER A 302 -30.43 1.45 2.00
N GLY A 303 -29.88 0.47 2.70
CA GLY A 303 -29.77 -0.86 2.17
C GLY A 303 -28.68 -1.62 2.92
N HIS A 304 -28.46 -2.85 2.48
CA HIS A 304 -27.53 -3.70 3.21
C HIS A 304 -26.57 -4.46 2.32
N GLU A 305 -26.47 -4.10 1.04
CA GLU A 305 -25.55 -4.78 0.16
C GLU A 305 -24.32 -3.92 -0.09
N ASN A 306 -23.35 -4.52 -0.78
CA ASN A 306 -22.10 -3.83 -1.07
C ASN A 306 -22.33 -2.53 -1.84
N GLU A 307 -23.36 -2.50 -2.69
CA GLU A 307 -23.65 -1.29 -3.45
C GLU A 307 -23.92 -0.10 -2.54
N GLN A 308 -24.68 -0.31 -1.47
CA GLN A 308 -24.93 0.80 -0.55
C GLN A 308 -23.67 1.19 0.19
N TRP A 309 -22.77 0.24 0.40
CA TRP A 309 -21.49 0.54 1.03
C TRP A 309 -20.66 1.43 0.12
N THR A 310 -20.48 1.01 -1.14
CA THR A 310 -19.75 1.82 -2.12
C THR A 310 -20.33 3.23 -2.22
N ALA A 311 -21.66 3.33 -2.20
CA ALA A 311 -22.30 4.65 -2.26
C ALA A 311 -21.85 5.55 -1.12
N ILE A 312 -21.79 5.02 0.11
CA ILE A 312 -21.33 5.85 1.22
C ILE A 312 -19.84 6.20 1.06
N GLU A 313 -19.04 5.24 0.59
CA GLU A 313 -17.62 5.53 0.36
C GLU A 313 -17.44 6.66 -0.67
N LYS A 314 -18.27 6.68 -1.70
CA LYS A 314 -18.17 7.75 -2.68
C LYS A 314 -18.53 9.09 -2.05
N LEU A 315 -19.54 9.11 -1.18
CA LEU A 315 -19.85 10.33 -0.44
C LEU A 315 -18.65 10.81 0.37
N ILE A 316 -17.98 9.87 1.05
CA ILE A 316 -16.80 10.25 1.84
C ILE A 316 -15.71 10.82 0.95
N SER A 317 -15.47 10.21 -0.21
CA SER A 317 -14.38 10.64 -1.07
C SER A 317 -14.58 12.05 -1.59
N GLU A 318 -15.83 12.47 -1.80
CA GLU A 318 -16.12 13.80 -2.33
C GLU A 318 -16.09 14.91 -1.28
N GLN A 319 -16.06 14.57 0.01
CA GLN A 319 -16.14 15.62 1.03
C GLN A 319 -14.90 16.52 1.02
N PRO A 320 -15.06 17.84 0.96
CA PRO A 320 -13.91 18.74 1.03
C PRO A 320 -13.49 19.09 2.46
N VAL A 321 -12.20 19.37 2.64
CA VAL A 321 -11.67 19.86 3.90
C VAL A 321 -11.08 21.26 3.68
N ALA A 322 -10.77 21.93 4.79
CA ALA A 322 -10.25 23.29 4.75
C ALA A 322 -8.87 23.34 4.13
N GLN A 323 -8.68 24.28 3.20
CA GLN A 323 -7.42 24.36 2.47
C GLN A 323 -6.22 24.55 3.40
N ASN A 324 -6.40 25.30 4.50
CA ASN A 324 -5.25 25.56 5.37
C ASN A 324 -4.73 24.30 6.05
N LEU A 325 -5.45 23.18 5.95
CA LEU A 325 -5.04 21.94 6.57
C LEU A 325 -4.12 21.08 5.69
N VAL A 326 -3.97 21.40 4.41
CA VAL A 326 -3.22 20.54 3.51
C VAL A 326 -2.06 21.24 2.81
N GLY A 327 -2.06 22.55 2.65
CA GLY A 327 -1.05 23.18 1.82
C GLY A 327 -1.60 24.16 0.80
N ASP A 328 -0.75 25.12 0.42
CA ASP A 328 -1.23 26.38 -0.17
C ASP A 328 -2.02 26.15 -1.46
N ASN A 329 -1.65 25.15 -2.25
CA ASN A 329 -2.61 24.56 -3.17
C ASN A 329 -2.30 23.08 -3.28
N GLN A 330 -3.15 22.27 -2.69
CA GLN A 330 -3.18 20.83 -2.73
C GLN A 330 -4.64 20.47 -2.95
N PRO A 331 -4.98 19.23 -3.29
CA PRO A 331 -6.39 18.85 -3.34
C PRO A 331 -7.01 18.99 -1.97
N THR A 332 -8.33 19.21 -1.94
CA THR A 332 -9.04 19.30 -0.68
C THR A 332 -10.17 18.30 -0.51
N LYS A 333 -10.48 17.49 -1.53
CA LYS A 333 -11.44 16.41 -1.33
C LYS A 333 -10.74 15.21 -0.71
N LEU A 334 -11.41 14.56 0.24
CA LEU A 334 -10.78 13.49 1.00
C LEU A 334 -10.23 12.41 0.07
N GLY A 335 -11.01 12.01 -0.94
CA GLY A 335 -10.58 10.97 -1.87
C GLY A 335 -9.33 11.32 -2.66
N GLU A 336 -8.98 12.60 -2.76
CA GLU A 336 -7.78 13.02 -3.44
C GLU A 336 -6.59 13.19 -2.50
N LEU A 337 -6.79 12.96 -1.20
CA LEU A 337 -5.70 13.02 -0.23
C LEU A 337 -5.31 11.61 0.15
N GLU A 338 -4.01 11.41 0.35
CA GLU A 338 -3.51 10.12 0.82
C GLU A 338 -2.35 10.38 1.76
N GLY A 339 -2.01 9.35 2.55
CA GLY A 339 -0.95 9.49 3.52
C GLY A 339 -1.50 9.52 4.94
N ASN A 340 -1.11 8.55 5.77
CA ASN A 340 -1.70 8.40 7.09
C ASN A 340 -1.52 9.65 7.95
N ALA A 341 -0.28 10.13 8.10
CA ALA A 341 -0.02 11.21 9.06
C ALA A 341 -0.73 12.49 8.65
N LYS A 342 -0.70 12.79 7.35
CA LYS A 342 -1.45 13.93 6.82
C LYS A 342 -2.93 13.83 7.18
N LEU A 343 -3.56 12.70 6.87
CA LEU A 343 -4.98 12.56 7.17
C LEU A 343 -5.22 12.59 8.68
N THR A 344 -4.27 12.08 9.46
CA THR A 344 -4.39 12.10 10.92
C THR A 344 -4.47 13.52 11.46
N THR A 345 -3.62 14.42 10.97
CA THR A 345 -3.65 15.80 11.43
C THR A 345 -4.94 16.50 11.04
N ILE A 346 -5.50 16.15 9.88
CA ILE A 346 -6.80 16.69 9.47
C ILE A 346 -7.89 16.21 10.42
N LEU A 347 -7.93 14.91 10.71
CA LEU A 347 -8.91 14.39 11.65
C LEU A 347 -8.81 15.12 13.00
N ALA A 348 -7.60 15.37 13.48
CA ALA A 348 -7.42 16.04 14.76
C ALA A 348 -8.04 17.42 14.75
N TYR A 349 -7.80 18.20 13.68
CA TYR A 349 -8.43 19.51 13.54
C TYR A 349 -9.93 19.40 13.72
N TYR A 350 -10.57 18.46 12.99
CA TYR A 350 -12.01 18.37 13.07
C TYR A 350 -12.49 17.77 14.39
N ARG A 351 -11.70 16.91 15.02
CA ARG A 351 -12.09 16.43 16.34
C ARG A 351 -12.05 17.57 17.35
N MET A 352 -11.07 18.46 17.21
CA MET A 352 -11.01 19.65 18.05
C MET A 352 -12.22 20.55 17.81
N GLU A 353 -12.62 20.71 16.54
CA GLU A 353 -13.81 21.51 16.26
C GLU A 353 -15.05 20.86 16.87
N THR A 354 -15.14 19.53 16.78
CA THR A 354 -16.25 18.83 17.40
C THR A 354 -16.28 19.08 18.90
N ALA A 355 -15.12 19.05 19.55
CA ALA A 355 -15.02 19.39 20.96
C ALA A 355 -15.61 20.78 21.23
N GLY A 356 -15.24 21.76 20.41
CA GLY A 356 -15.73 23.12 20.64
C GLY A 356 -17.23 23.23 20.47
N LYS A 357 -17.79 22.56 19.47
CA LYS A 357 -19.23 22.58 19.30
C LYS A 357 -19.94 21.96 20.49
N PHE A 358 -19.35 20.93 21.12
CA PHE A 358 -20.00 20.31 22.26
C PHE A 358 -20.05 21.26 23.46
N GLU A 359 -18.99 22.03 23.72
CA GLU A 359 -19.06 23.06 24.74
C GLU A 359 -20.24 23.99 24.47
N VAL A 360 -20.30 24.55 23.27
CA VAL A 360 -21.35 25.51 22.94
C VAL A 360 -22.72 24.86 23.09
N LEU A 361 -22.89 23.67 22.54
CA LEU A 361 -24.11 22.90 22.72
C LEU A 361 -24.09 22.28 24.12
N VAL B 2 -23.47 19.59 0.50
CA VAL B 2 -23.56 21.05 0.62
C VAL B 2 -23.10 21.79 -0.65
N GLN B 3 -24.02 22.48 -1.30
CA GLN B 3 -23.70 23.28 -2.48
C GLN B 3 -24.20 24.70 -2.28
N LEU B 4 -23.39 25.67 -2.69
CA LEU B 4 -23.68 27.08 -2.58
C LEU B 4 -23.87 27.66 -3.97
N GLN B 5 -24.93 28.44 -4.17
CA GLN B 5 -25.14 29.14 -5.44
C GLN B 5 -25.41 30.60 -5.15
N GLU B 6 -24.56 31.47 -5.66
CA GLU B 6 -24.83 32.88 -5.49
C GLU B 6 -25.73 33.38 -6.62
N SER B 7 -26.38 34.51 -6.37
CA SER B 7 -27.12 35.19 -7.42
C SER B 7 -27.21 36.67 -7.05
N GLY B 8 -27.70 37.46 -8.00
CA GLY B 8 -27.88 38.88 -7.78
C GLY B 8 -26.74 39.75 -8.23
N GLY B 9 -25.74 39.19 -8.91
CA GLY B 9 -24.66 39.98 -9.46
C GLY B 9 -25.07 40.70 -10.73
N GLY B 10 -24.07 41.24 -11.44
CA GLY B 10 -24.33 41.84 -12.72
C GLY B 10 -23.65 43.19 -12.81
N LEU B 11 -24.13 44.00 -13.76
CA LEU B 11 -23.63 45.36 -13.96
C LEU B 11 -24.41 46.34 -13.11
N VAL B 12 -23.71 47.39 -12.68
CA VAL B 12 -24.31 48.43 -11.86
C VAL B 12 -23.48 49.68 -12.07
N GLN B 13 -24.14 50.84 -12.03
CA GLN B 13 -23.44 52.11 -12.16
C GLN B 13 -22.85 52.50 -10.81
N ALA B 14 -21.71 53.21 -10.87
CA ALA B 14 -21.08 53.71 -9.65
C ALA B 14 -22.10 54.49 -8.82
N GLY B 15 -22.03 54.32 -7.50
CA GLY B 15 -23.02 54.88 -6.61
C GLY B 15 -24.29 54.06 -6.46
N GLY B 16 -24.54 53.08 -7.34
CA GLY B 16 -25.68 52.20 -7.19
C GLY B 16 -25.47 51.14 -6.10
N SER B 17 -26.47 50.27 -5.97
CA SER B 17 -26.50 49.23 -4.96
C SER B 17 -26.86 47.89 -5.59
N LEU B 18 -26.39 46.81 -4.97
CA LEU B 18 -26.75 45.44 -5.33
C LEU B 18 -26.91 44.61 -4.06
N ARG B 19 -27.81 43.64 -4.09
CA ARG B 19 -27.86 42.62 -3.04
C ARG B 19 -27.51 41.28 -3.63
N LEU B 20 -26.40 40.68 -3.14
CA LEU B 20 -26.04 39.32 -3.50
C LEU B 20 -26.70 38.34 -2.55
N SER B 21 -27.13 37.21 -3.10
CA SER B 21 -27.74 36.13 -2.33
C SER B 21 -26.92 34.86 -2.53
N CYS B 22 -26.86 34.05 -1.48
CA CYS B 22 -26.21 32.75 -1.57
C CYS B 22 -27.07 31.74 -0.83
N ALA B 23 -27.66 30.80 -1.56
CA ALA B 23 -28.51 29.79 -0.95
C ALA B 23 -27.74 28.48 -0.88
N ALA B 24 -27.77 27.85 0.29
CA ALA B 24 -27.20 26.53 0.45
C ALA B 24 -28.26 25.47 0.21
N SER B 25 -27.82 24.33 -0.30
CA SER B 25 -28.73 23.27 -0.69
C SER B 25 -29.30 22.48 0.49
N GLU B 26 -28.83 22.70 1.72
CA GLU B 26 -29.38 21.91 2.82
C GLU B 26 -29.42 22.72 4.11
N ARG B 27 -30.33 22.31 5.00
CA ARG B 27 -30.54 22.96 6.29
C ARG B 27 -29.29 22.93 7.16
N THR B 28 -28.29 22.14 6.76
CA THR B 28 -26.93 22.22 7.31
C THR B 28 -26.45 23.66 7.45
N PHE B 29 -26.88 24.54 6.55
CA PHE B 29 -26.59 25.96 6.55
C PHE B 29 -26.53 26.57 7.95
N SER B 30 -27.50 26.21 8.80
CA SER B 30 -27.61 26.84 10.12
C SER B 30 -26.52 26.37 11.08
N SER B 31 -25.70 25.42 10.67
CA SER B 31 -24.49 25.10 11.42
C SER B 31 -23.23 25.62 10.76
N LEU B 32 -23.33 26.51 9.76
CA LEU B 32 -22.17 26.97 9.03
C LEU B 32 -21.97 28.48 9.25
N GLY B 33 -20.73 28.87 9.53
CA GLY B 33 -20.35 30.25 9.35
C GLY B 33 -20.25 30.58 7.86
N MET B 34 -20.67 31.79 7.49
CA MET B 34 -20.80 32.15 6.08
C MET B 34 -19.94 33.36 5.78
N GLY B 35 -19.34 33.40 4.60
CA GLY B 35 -18.50 34.52 4.23
C GLY B 35 -18.64 34.86 2.76
N TRP B 36 -18.19 36.08 2.44
CA TRP B 36 -18.10 36.57 1.08
C TRP B 36 -16.66 36.98 0.80
N PHE B 37 -16.12 36.48 -0.30
CA PHE B 37 -14.79 36.79 -0.77
C PHE B 37 -14.90 37.34 -2.19
N ARG B 38 -13.95 38.19 -2.58
CA ARG B 38 -14.02 38.86 -3.86
C ARG B 38 -12.62 38.85 -4.48
N GLN B 39 -12.58 38.59 -5.77
CA GLN B 39 -11.34 38.51 -6.53
C GLN B 39 -11.41 39.49 -7.69
N GLY B 40 -10.70 40.61 -7.56
CA GLY B 40 -10.66 41.62 -8.60
C GLY B 40 -9.86 41.14 -9.79
N PRO B 41 -10.02 41.79 -10.93
CA PRO B 41 -9.31 41.37 -12.15
C PRO B 41 -7.81 41.58 -11.97
N GLY B 42 -7.04 40.50 -12.17
CA GLY B 42 -5.62 40.51 -11.97
C GLY B 42 -5.16 40.38 -10.53
N LYS B 43 -6.04 40.59 -9.56
CA LYS B 43 -5.67 40.56 -8.16
C LYS B 43 -5.94 39.17 -7.56
N GLU B 44 -5.46 39.00 -6.33
CA GLU B 44 -5.78 37.78 -5.59
C GLU B 44 -7.09 37.95 -4.84
N ARG B 45 -7.70 36.82 -4.53
CA ARG B 45 -8.98 36.83 -3.86
C ARG B 45 -8.82 37.30 -2.41
N GLU B 46 -9.80 38.03 -1.91
CA GLU B 46 -9.67 38.68 -0.61
C GLU B 46 -11.00 38.65 0.14
N PHE B 47 -10.87 38.68 1.47
CA PHE B 47 -12.01 38.73 2.38
C PHE B 47 -12.84 40.00 2.17
N ALA B 48 -14.16 39.85 2.20
CA ALA B 48 -15.10 40.97 2.18
C ALA B 48 -15.93 41.03 3.45
N ALA B 49 -16.68 39.97 3.77
CA ALA B 49 -17.57 40.00 4.92
C ALA B 49 -17.85 38.58 5.37
N ALA B 50 -18.19 38.43 6.64
CA ALA B 50 -18.52 37.12 7.16
C ALA B 50 -19.46 37.29 8.33
N ILE B 51 -20.20 36.22 8.62
CA ILE B 51 -21.17 36.22 9.70
C ILE B 51 -21.05 34.88 10.43
N SER B 52 -21.02 34.93 11.75
CA SER B 52 -20.83 33.73 12.53
C SER B 52 -21.99 32.75 12.31
N TRP B 53 -21.72 31.48 12.59
CA TRP B 53 -22.73 30.43 12.41
C TRP B 53 -24.05 30.81 13.06
N SER B 54 -24.00 31.47 14.20
CA SER B 54 -25.18 31.81 14.96
C SER B 54 -25.78 33.16 14.56
N GLY B 55 -25.14 33.89 13.64
CA GLY B 55 -25.59 35.21 13.29
C GLY B 55 -25.29 36.28 14.32
N VAL B 56 -24.60 35.95 15.41
CA VAL B 56 -24.41 36.91 16.50
C VAL B 56 -23.35 37.95 16.15
N SER B 57 -22.35 37.60 15.32
CA SER B 57 -21.25 38.51 15.00
C SER B 57 -21.06 38.64 13.49
N THR B 58 -20.60 39.80 13.06
CA THR B 58 -20.30 40.05 11.66
C THR B 58 -18.96 40.74 11.54
N TYR B 59 -18.30 40.49 10.41
CA TYR B 59 -16.95 40.99 10.19
C TYR B 59 -16.84 41.50 8.75
N TYR B 60 -16.08 42.58 8.58
CA TYR B 60 -16.00 43.29 7.32
C TYR B 60 -14.56 43.70 7.03
N ALA B 61 -14.12 43.52 5.80
CA ALA B 61 -12.89 44.15 5.36
C ALA B 61 -13.01 45.67 5.49
N ASP B 62 -11.88 46.31 5.78
CA ASP B 62 -11.91 47.75 6.01
C ASP B 62 -12.40 48.51 4.79
N SER B 63 -12.12 48.00 3.59
CA SER B 63 -12.52 48.68 2.37
C SER B 63 -14.03 48.69 2.16
N VAL B 64 -14.79 47.86 2.89
CA VAL B 64 -16.23 47.78 2.69
C VAL B 64 -17.02 48.10 3.94
N LYS B 65 -16.34 48.38 5.06
CA LYS B 65 -17.04 48.72 6.30
C LYS B 65 -17.86 49.98 6.11
N GLY B 66 -19.10 49.94 6.58
CA GLY B 66 -20.02 51.05 6.43
C GLY B 66 -20.73 51.13 5.09
N ARG B 67 -20.32 50.33 4.10
CA ARG B 67 -21.00 50.22 2.82
C ARG B 67 -21.72 48.89 2.64
N PHE B 68 -21.13 47.79 3.13
CA PHE B 68 -21.68 46.45 2.93
C PHE B 68 -22.33 45.97 4.21
N THR B 69 -23.34 45.11 4.06
CA THR B 69 -24.00 44.53 5.21
C THR B 69 -24.26 43.06 4.90
N ILE B 70 -23.76 42.19 5.75
CA ILE B 70 -24.00 40.76 5.61
C ILE B 70 -25.04 40.34 6.63
N SER B 71 -25.93 39.45 6.22
CA SER B 71 -26.96 38.93 7.11
C SER B 71 -27.33 37.53 6.65
N ARG B 72 -28.05 36.81 7.51
CA ARG B 72 -28.38 35.44 7.20
C ARG B 72 -29.83 35.17 7.60
N ASP B 73 -30.41 34.18 6.92
CA ASP B 73 -31.78 33.72 7.15
C ASP B 73 -31.74 32.19 7.11
N ASN B 74 -31.63 31.58 8.29
CA ASN B 74 -31.52 30.14 8.37
C ASN B 74 -32.76 29.44 7.81
N ASP B 75 -33.94 30.03 8.00
CA ASP B 75 -35.17 29.46 7.45
C ASP B 75 -35.11 29.30 5.93
N LYS B 76 -34.39 30.19 5.22
CA LYS B 76 -34.24 30.05 3.78
C LYS B 76 -32.87 29.52 3.38
N ASN B 77 -32.05 29.08 4.34
CA ASN B 77 -30.70 28.58 4.05
C ASN B 77 -29.90 29.56 3.19
N THR B 78 -30.05 30.86 3.48
CA THR B 78 -29.51 31.88 2.59
C THR B 78 -28.73 32.94 3.36
N VAL B 79 -27.56 33.32 2.82
CA VAL B 79 -26.80 34.45 3.33
C VAL B 79 -26.84 35.57 2.29
N TYR B 80 -26.92 36.81 2.75
CA TYR B 80 -27.04 37.97 1.88
C TYR B 80 -25.86 38.91 2.08
N LEU B 81 -25.50 39.61 1.00
CA LEU B 81 -24.56 40.73 1.05
C LEU B 81 -25.22 41.93 0.40
N GLN B 82 -25.69 42.87 1.21
CA GLN B 82 -26.16 44.16 0.72
C GLN B 82 -24.97 45.08 0.48
N MET B 83 -24.80 45.52 -0.76
CA MET B 83 -23.64 46.33 -1.15
C MET B 83 -24.15 47.68 -1.60
N ASN B 84 -23.89 48.72 -0.78
CA ASN B 84 -24.27 50.09 -1.10
C ASN B 84 -23.06 50.89 -1.57
N SER B 85 -23.36 51.98 -2.28
CA SER B 85 -22.36 52.96 -2.72
C SER B 85 -21.17 52.30 -3.43
N LEU B 86 -21.49 51.53 -4.47
CA LEU B 86 -20.45 50.82 -5.21
C LEU B 86 -19.59 51.79 -5.99
N LYS B 87 -18.32 51.43 -6.16
CA LYS B 87 -17.33 52.18 -6.91
C LYS B 87 -16.65 51.24 -7.86
N PRO B 88 -16.04 51.74 -8.95
CA PRO B 88 -15.35 50.85 -9.89
C PRO B 88 -14.41 49.84 -9.24
N ASP B 89 -13.69 50.24 -8.18
CA ASP B 89 -12.79 49.31 -7.51
C ASP B 89 -13.49 48.12 -6.87
N ASP B 90 -14.82 48.13 -6.73
CA ASP B 90 -15.49 46.95 -6.22
C ASP B 90 -15.74 45.90 -7.28
N THR B 91 -15.35 46.16 -8.52
CA THR B 91 -15.54 45.20 -9.60
C THR B 91 -14.71 43.96 -9.30
N ALA B 92 -15.35 42.79 -9.37
CA ALA B 92 -14.71 41.54 -8.94
C ALA B 92 -15.67 40.39 -9.18
N VAL B 93 -15.15 39.17 -9.11
CA VAL B 93 -15.97 37.98 -8.92
C VAL B 93 -16.16 37.78 -7.43
N TYR B 94 -17.41 37.74 -6.99
CA TYR B 94 -17.77 37.60 -5.58
C TYR B 94 -18.12 36.14 -5.32
N TYR B 95 -17.43 35.53 -4.35
CA TYR B 95 -17.64 34.13 -3.97
C TYR B 95 -18.34 34.07 -2.61
N CYS B 96 -19.39 33.27 -2.55
CA CYS B 96 -19.95 32.83 -1.29
C CYS B 96 -19.13 31.64 -0.76
N ALA B 97 -19.02 31.54 0.55
CA ALA B 97 -18.28 30.43 1.14
C ALA B 97 -18.85 30.08 2.52
N ALA B 98 -18.71 28.81 2.89
CA ALA B 98 -19.22 28.30 4.16
C ALA B 98 -18.11 27.52 4.87
N THR B 99 -18.01 27.71 6.18
CA THR B 99 -17.06 27.01 7.02
C THR B 99 -17.80 26.22 8.10
N SER B 100 -17.33 25.00 8.33
CA SER B 100 -17.88 24.18 9.40
C SER B 100 -17.42 24.64 10.79
N SER B 101 -16.43 25.52 10.87
CA SER B 101 -15.96 25.98 12.17
C SER B 101 -16.96 26.93 12.80
N TRP B 102 -17.13 26.81 14.12
CA TRP B 102 -17.87 27.79 14.91
C TRP B 102 -16.95 28.79 15.60
N ASN B 103 -15.66 28.81 15.26
CA ASN B 103 -14.73 29.78 15.81
C ASN B 103 -14.72 30.99 14.89
N ASP B 104 -15.02 32.17 15.43
CA ASP B 104 -15.12 33.36 14.61
C ASP B 104 -13.80 33.70 13.94
N MET B 105 -12.68 33.27 14.52
CA MET B 105 -11.40 33.51 13.87
C MET B 105 -11.26 32.76 12.56
N ALA B 106 -12.03 31.69 12.37
CA ALA B 106 -12.02 31.03 11.07
C ALA B 106 -12.58 31.92 9.96
N LEU B 107 -13.42 32.90 10.29
CA LEU B 107 -14.22 33.57 9.27
C LEU B 107 -13.42 34.51 8.39
N LYS B 108 -12.26 34.96 8.83
CA LYS B 108 -11.61 36.06 8.13
C LYS B 108 -10.60 35.61 7.08
N SER B 109 -10.38 34.31 6.94
CA SER B 109 -9.40 33.81 5.99
C SER B 109 -10.05 32.69 5.18
N ALA B 110 -9.86 32.76 3.86
CA ALA B 110 -10.47 31.80 2.95
C ALA B 110 -10.10 30.36 3.29
N GLY B 111 -8.88 30.14 3.80
CA GLY B 111 -8.33 28.81 4.03
C GLY B 111 -9.07 27.97 5.06
N TRP B 112 -9.98 28.55 5.84
CA TRP B 112 -10.75 27.78 6.82
C TRP B 112 -12.13 27.38 6.32
N TYR B 113 -12.50 27.74 5.11
CA TYR B 113 -13.82 27.48 4.55
C TYR B 113 -13.74 26.26 3.64
N GLU B 114 -14.53 25.23 3.95
CA GLU B 114 -14.55 24.02 3.11
C GLU B 114 -15.38 24.20 1.85
N TYR B 115 -16.44 24.99 1.89
CA TYR B 115 -17.44 25.02 0.82
C TYR B 115 -17.40 26.36 0.11
N TRP B 116 -17.51 26.30 -1.21
CA TRP B 116 -17.36 27.47 -2.07
C TRP B 116 -18.42 27.45 -3.16
N GLY B 117 -19.04 28.61 -3.39
CA GLY B 117 -19.85 28.78 -4.58
C GLY B 117 -18.97 29.00 -5.79
N GLN B 118 -19.60 29.05 -6.96
CA GLN B 118 -18.83 29.21 -8.19
C GLN B 118 -18.41 30.66 -8.43
N GLY B 119 -19.00 31.62 -7.72
CA GLY B 119 -18.62 33.00 -7.92
C GLY B 119 -19.50 33.70 -8.94
N THR B 120 -19.85 34.96 -8.68
CA THR B 120 -20.67 35.76 -9.57
C THR B 120 -19.98 37.08 -9.85
N GLN B 121 -20.04 37.50 -11.12
CA GLN B 121 -19.40 38.74 -11.55
C GLN B 121 -20.18 39.96 -11.09
N VAL B 122 -19.51 40.90 -10.43
CA VAL B 122 -20.05 42.22 -10.18
C VAL B 122 -19.16 43.21 -10.92
N THR B 123 -19.77 44.03 -11.79
CA THR B 123 -19.03 44.98 -12.60
C THR B 123 -19.63 46.37 -12.41
N VAL B 124 -18.84 47.30 -11.89
CA VAL B 124 -19.29 48.65 -11.60
C VAL B 124 -18.60 49.58 -12.59
N SER B 125 -19.39 50.27 -13.40
CA SER B 125 -18.84 51.22 -14.37
C SER B 125 -18.99 52.65 -13.85
N SER B 126 -18.01 53.48 -14.21
CA SER B 126 -18.08 54.91 -13.87
C SER B 126 -18.62 55.74 -15.02
C1 NAG C . -10.13 -0.88 0.07
C2 NAG C . -8.83 -0.33 -0.35
C3 NAG C . -8.80 1.15 -0.08
C4 NAG C . -9.96 1.89 -0.71
C5 NAG C . -11.22 1.20 -0.26
C6 NAG C . -12.48 1.79 -0.85
C7 NAG C . -6.83 -1.60 -0.12
C8 NAG C . -5.82 -2.24 0.75
N2 NAG C . -7.84 -1.00 0.41
O3 NAG C . -7.60 1.67 -0.47
O4 NAG C . -9.97 3.23 -0.37
O5 NAG C . -11.13 -0.16 -0.50
O6 NAG C . -12.48 1.73 -2.23
O7 NAG C . -6.74 -1.65 -1.25
C1 NAG C . -10.04 4.09 -1.45
C2 NAG C . -10.53 5.46 -1.13
C3 NAG C . -10.55 6.37 -2.35
C4 NAG C . -9.25 6.48 -3.13
C5 NAG C . -8.87 5.01 -3.27
C6 NAG C . -7.57 4.75 -3.98
C7 NAG C . -12.16 5.77 0.59
C8 NAG C . -13.59 5.71 0.90
N2 NAG C . -11.87 5.41 -0.62
O3 NAG C . -10.90 7.63 -1.90
O4 NAG C . -9.76 7.08 -4.35
O5 NAG C . -8.88 4.21 -2.11
O6 NAG C . -6.51 4.85 -3.07
O7 NAG C . -11.37 6.09 1.37
C1 BMA C . -9.07 7.36 -5.55
C2 BMA C . -9.85 8.39 -6.36
C3 BMA C . -9.04 9.44 -7.12
C4 BMA C . -7.76 9.92 -6.49
C5 BMA C . -7.03 8.85 -5.71
C6 BMA C . -5.97 9.42 -4.70
O2 BMA C . -11.09 8.80 -5.83
O3 BMA C . -9.83 10.60 -7.27
O4 BMA C . -6.87 10.66 -7.34
O5 BMA C . -7.90 7.92 -5.08
O6 BMA C . -6.25 9.27 -3.30
#